data_5H8D
#
_entry.id   5H8D
#
_cell.length_a   97.421
_cell.length_b   97.421
_cell.length_c   31.881
_cell.angle_alpha   90.000
_cell.angle_beta   90.000
_cell.angle_gamma   90.000
#
_symmetry.space_group_name_H-M   'P 41 21 2'
#
loop_
_entity.id
_entity.type
_entity.pdbx_description
1 polymer 'VHH nanobody'
2 water water
#
_entity_poly.entity_id   1
_entity_poly.type   'polypeptide(L)'
_entity_poly.pdbx_seq_one_letter_code
;QVQLQESGGGLVQPGGSLKLSCAASGFTFSRYAMSWYRQAPGKERESVARISSGGGTIYYADSVKGRFTISREDAKNTVY
LQMNSLKPEDTAVYYCYVGGFWGQGTQVTVSSGG
;
_entity_poly.pdbx_strand_id   A
#
# COMPACT_ATOMS: atom_id res chain seq x y z
N GLN A 1 -5.73 -21.27 1.26
CA GLN A 1 -4.96 -20.68 0.17
C GLN A 1 -5.05 -19.15 0.23
N VAL A 2 -4.19 -18.53 1.04
CA VAL A 2 -4.20 -17.06 1.16
C VAL A 2 -3.61 -16.46 -0.13
N GLN A 3 -4.33 -15.53 -0.73
CA GLN A 3 -3.82 -14.80 -1.88
C GLN A 3 -3.96 -13.32 -1.65
N LEU A 4 -2.89 -12.58 -1.93
CA LEU A 4 -2.88 -11.13 -1.85
C LEU A 4 -2.38 -10.58 -3.19
N GLN A 5 -3.30 -10.11 -4.02
CA GLN A 5 -2.95 -9.66 -5.37
C GLN A 5 -2.96 -8.14 -5.46
N GLU A 6 -1.79 -7.55 -5.66
CA GLU A 6 -1.70 -6.10 -5.72
C GLU A 6 -1.75 -5.58 -7.13
N SER A 7 -2.14 -4.32 -7.28
CA SER A 7 -2.14 -3.64 -8.56
C SER A 7 -2.16 -2.14 -8.33
N GLY A 8 -2.02 -1.37 -9.41
CA GLY A 8 -2.16 0.08 -9.31
C GLY A 8 -0.86 0.87 -9.28
N GLY A 9 0.27 0.18 -9.35
CA GLY A 9 1.54 0.89 -9.34
C GLY A 9 1.78 1.53 -10.69
N GLY A 10 2.94 2.16 -10.87
CA GLY A 10 3.21 2.80 -12.14
C GLY A 10 4.40 3.72 -12.09
N LEU A 11 4.52 4.52 -13.13
CA LEU A 11 5.65 5.40 -13.35
C LEU A 11 5.09 6.80 -13.57
N VAL A 12 5.34 7.69 -12.62
CA VAL A 12 4.71 8.99 -12.61
C VAL A 12 5.73 10.08 -12.25
N GLN A 13 5.42 11.34 -12.52
CA GLN A 13 6.32 12.44 -12.14
C GLN A 13 6.06 12.89 -10.70
N PRO A 14 7.05 13.56 -10.07
CA PRO A 14 6.81 14.15 -8.75
C PRO A 14 5.57 15.05 -8.78
N GLY A 15 4.74 14.96 -7.75
CA GLY A 15 3.50 15.71 -7.72
C GLY A 15 2.31 14.86 -8.11
N GLY A 16 2.58 13.70 -8.71
CA GLY A 16 1.54 12.84 -9.25
C GLY A 16 0.80 11.99 -8.23
N SER A 17 -0.06 11.11 -8.73
CA SER A 17 -0.92 10.30 -7.87
C SER A 17 -1.01 8.87 -8.39
N LEU A 18 -1.16 7.93 -7.47
CA LEU A 18 -1.48 6.54 -7.82
C LEU A 18 -2.40 5.97 -6.76
N LYS A 19 -3.20 4.97 -7.12
CA LYS A 19 -4.00 4.28 -6.11
C LYS A 19 -3.74 2.79 -6.18
N LEU A 20 -3.08 2.26 -5.16
CA LEU A 20 -2.77 0.85 -5.11
C LEU A 20 -3.97 0.08 -4.59
N SER A 21 -4.12 -1.16 -5.06
CA SER A 21 -5.16 -2.06 -4.59
C SER A 21 -4.52 -3.37 -4.20
N CYS A 22 -5.05 -4.01 -3.18
CA CYS A 22 -4.65 -5.36 -2.83
C CYS A 22 -5.92 -6.19 -2.68
N ALA A 23 -6.17 -7.11 -3.61
CA ALA A 23 -7.37 -7.93 -3.54
C ALA A 23 -7.05 -9.23 -2.81
N ALA A 24 -7.71 -9.43 -1.66
CA ALA A 24 -7.41 -10.58 -0.80
C ALA A 24 -8.41 -11.71 -0.96
N SER A 25 -7.94 -12.94 -0.74
CA SER A 25 -8.81 -14.10 -0.71
C SER A 25 -8.19 -15.22 0.13
N GLY A 26 -9.01 -16.17 0.55
CA GLY A 26 -8.50 -17.35 1.21
C GLY A 26 -8.42 -17.24 2.72
N PHE A 27 -9.02 -16.17 3.26
CA PHE A 27 -9.14 -15.98 4.70
C PHE A 27 -10.28 -15.00 5.01
N THR A 28 -10.68 -14.89 6.27
CA THR A 28 -11.78 -14.00 6.63
C THR A 28 -11.28 -12.55 6.73
N PHE A 29 -11.34 -11.86 5.60
CA PHE A 29 -10.75 -10.54 5.41
C PHE A 29 -11.16 -9.52 6.48
N SER A 30 -12.45 -9.50 6.80
CA SER A 30 -12.98 -8.44 7.66
C SER A 30 -12.44 -8.54 9.09
N ARG A 31 -11.95 -9.71 9.47
CA ARG A 31 -11.47 -9.91 10.83
C ARG A 31 -10.09 -9.32 11.12
N TYR A 32 -9.33 -8.99 10.07
CA TYR A 32 -7.91 -8.66 10.26
C TYR A 32 -7.52 -7.27 9.84
N ALA A 33 -6.57 -6.71 10.56
CA ALA A 33 -5.93 -5.46 10.14
C ALA A 33 -5.13 -5.71 8.86
N MET A 34 -5.17 -4.76 7.92
CA MET A 34 -4.39 -4.90 6.68
C MET A 34 -3.31 -3.82 6.65
N SER A 35 -2.16 -4.12 6.06
CA SER A 35 -1.05 -3.15 6.05
C SER A 35 -0.46 -2.99 4.66
N TRP A 36 0.12 -1.81 4.42
CA TRP A 36 0.99 -1.57 3.28
C TRP A 36 2.41 -1.31 3.78
N TYR A 37 3.37 -1.99 3.17
CA TYR A 37 4.79 -1.79 3.40
C TYR A 37 5.45 -1.37 2.10
N ARG A 38 6.66 -0.84 2.18
CA ARG A 38 7.42 -0.59 0.97
C ARG A 38 8.89 -0.89 1.17
N GLN A 39 9.56 -1.26 0.07
CA GLN A 39 10.99 -1.47 0.13
C GLN A 39 11.65 -0.73 -1.01
N ALA A 40 12.38 0.32 -0.67
CA ALA A 40 13.10 1.14 -1.64
C ALA A 40 14.49 0.56 -1.87
N PRO A 41 15.05 0.77 -3.07
CA PRO A 41 16.37 0.22 -3.42
C PRO A 41 17.43 0.55 -2.37
N GLY A 42 18.22 -0.45 -1.98
CA GLY A 42 19.25 -0.28 -0.98
C GLY A 42 18.76 0.17 0.38
N LYS A 43 17.49 -0.08 0.67
CA LYS A 43 16.93 0.25 1.98
C LYS A 43 16.17 -0.94 2.54
N GLU A 44 15.92 -0.93 3.84
CA GLU A 44 15.15 -1.99 4.47
C GLU A 44 13.66 -1.72 4.36
N ARG A 45 12.86 -2.78 4.47
CA ARG A 45 11.41 -2.67 4.33
C ARG A 45 10.79 -1.80 5.43
N GLU A 46 9.89 -0.92 5.02
CA GLU A 46 9.31 0.12 5.88
C GLU A 46 7.79 0.01 5.95
N SER A 47 7.21 0.12 7.14
CA SER A 47 5.75 0.13 7.23
C SER A 47 5.22 1.47 6.77
N VAL A 48 4.23 1.46 5.87
CA VAL A 48 3.67 2.69 5.32
C VAL A 48 2.34 3.09 5.96
N ALA A 49 1.43 2.13 6.05
CA ALA A 49 0.12 2.39 6.63
C ALA A 49 -0.53 1.10 7.13
N ARG A 50 -1.46 1.23 8.06
CA ARG A 50 -2.17 0.07 8.59
C ARG A 50 -3.60 0.50 8.87
N ILE A 51 -4.55 -0.37 8.59
CA ILE A 51 -5.94 -0.08 8.92
C ILE A 51 -6.54 -1.26 9.67
N SER A 52 -7.14 -0.97 10.82
CA SER A 52 -7.68 -2.03 11.68
C SER A 52 -8.87 -2.72 11.05
N SER A 53 -9.22 -3.88 11.57
CA SER A 53 -10.53 -4.44 11.31
C SER A 53 -11.56 -3.37 11.69
N GLY A 54 -12.57 -3.17 10.85
CA GLY A 54 -13.60 -2.19 11.16
C GLY A 54 -13.27 -0.80 10.60
N GLY A 55 -12.00 -0.59 10.28
CA GLY A 55 -11.55 0.63 9.61
C GLY A 55 -11.41 1.86 10.50
N GLY A 56 -11.58 1.69 11.80
CA GLY A 56 -11.60 2.80 12.73
C GLY A 56 -10.24 3.28 13.21
N THR A 57 -9.25 2.38 13.23
CA THR A 57 -7.93 2.72 13.74
C THR A 57 -6.92 2.66 12.61
N ILE A 58 -6.29 3.79 12.32
CA ILE A 58 -5.40 3.89 11.18
C ILE A 58 -4.03 4.46 11.55
N TYR A 59 -2.97 3.81 11.05
CA TYR A 59 -1.60 4.23 11.27
C TYR A 59 -0.95 4.70 9.97
N TYR A 60 -0.20 5.81 10.00
CA TYR A 60 0.64 6.22 8.87
C TYR A 60 2.07 6.47 9.30
N ALA A 61 3.04 6.09 8.45
CA ALA A 61 4.41 6.52 8.65
C ALA A 61 4.44 8.04 8.61
N ASP A 62 5.27 8.65 9.44
CA ASP A 62 5.33 10.11 9.48
C ASP A 62 5.64 10.68 8.10
N SER A 63 6.45 9.98 7.31
CA SER A 63 6.85 10.53 6.02
C SER A 63 5.73 10.59 4.98
N VAL A 64 4.61 9.91 5.23
CA VAL A 64 3.51 9.93 4.26
C VAL A 64 2.22 10.50 4.82
N LYS A 65 2.27 10.89 6.09
CA LYS A 65 1.11 11.48 6.75
C LYS A 65 0.59 12.70 5.98
N GLY A 66 -0.69 12.71 5.67
CA GLY A 66 -1.27 13.86 4.98
C GLY A 66 -1.25 13.74 3.46
N ARG A 67 -0.48 12.79 2.94
CA ARG A 67 -0.37 12.60 1.49
C ARG A 67 -1.01 11.29 1.05
N PHE A 68 -0.92 10.28 1.91
CA PHE A 68 -1.42 8.95 1.59
C PHE A 68 -2.67 8.64 2.39
N THR A 69 -3.58 7.86 1.80
CA THR A 69 -4.78 7.42 2.52
C THR A 69 -4.98 5.91 2.36
N ILE A 70 -5.05 5.20 3.48
CA ILE A 70 -5.37 3.76 3.39
C ILE A 70 -6.87 3.58 3.67
N SER A 71 -7.51 2.70 2.89
CA SER A 71 -8.91 2.39 3.13
C SER A 71 -9.15 0.92 2.84
N ARG A 72 -10.32 0.43 3.22
CA ARG A 72 -10.67 -0.96 2.90
C ARG A 72 -12.13 -1.01 2.50
N GLU A 73 -12.45 -1.93 1.59
CA GLU A 73 -13.84 -2.21 1.24
C GLU A 73 -14.07 -3.68 1.49
N ASP A 74 -14.66 -4.00 2.64
CA ASP A 74 -14.79 -5.39 3.06
C ASP A 74 -15.66 -6.19 2.09
N ALA A 75 -16.61 -5.52 1.44
CA ALA A 75 -17.49 -6.20 0.49
C ALA A 75 -16.74 -6.68 -0.75
N LYS A 76 -15.57 -6.10 -1.01
CA LYS A 76 -14.73 -6.50 -2.13
C LYS A 76 -13.45 -7.19 -1.68
N ASN A 77 -13.34 -7.45 -0.38
CA ASN A 77 -12.12 -8.00 0.21
C ASN A 77 -10.86 -7.30 -0.30
N THR A 78 -10.90 -5.97 -0.35
CA THR A 78 -9.79 -5.21 -0.92
C THR A 78 -9.34 -4.09 0.01
N VAL A 79 -8.03 -3.89 0.12
CA VAL A 79 -7.49 -2.74 0.84
C VAL A 79 -6.79 -1.83 -0.18
N TYR A 80 -6.85 -0.52 0.03
CA TYR A 80 -6.33 0.44 -0.95
C TYR A 80 -5.31 1.38 -0.34
N LEU A 81 -4.46 1.95 -1.17
CA LEU A 81 -3.57 3.02 -0.74
C LEU A 81 -3.57 4.13 -1.79
N GLN A 82 -4.28 5.21 -1.49
CA GLN A 82 -4.30 6.38 -2.35
C GLN A 82 -3.05 7.17 -2.05
N MET A 83 -2.21 7.40 -3.06
CA MET A 83 -0.97 8.17 -2.88
C MET A 83 -1.05 9.45 -3.70
N ASN A 84 -0.81 10.60 -3.04
CA ASN A 84 -0.85 11.90 -3.73
C ASN A 84 0.43 12.67 -3.45
N SER A 85 0.60 13.79 -4.15
CA SER A 85 1.81 14.61 -4.08
C SER A 85 3.06 13.75 -3.97
N LEU A 86 3.18 12.80 -4.90
CA LEU A 86 4.25 11.80 -4.84
C LEU A 86 5.63 12.45 -4.97
N LYS A 87 6.59 11.89 -4.23
CA LYS A 87 7.96 12.39 -4.23
C LYS A 87 8.93 11.30 -4.70
N PRO A 88 10.10 11.67 -5.23
CA PRO A 88 11.07 10.67 -5.66
C PRO A 88 11.38 9.63 -4.58
N GLU A 89 11.50 10.07 -3.34
CA GLU A 89 11.79 9.14 -2.24
C GLU A 89 10.64 8.19 -1.91
N ASP A 90 9.51 8.33 -2.61
CA ASP A 90 8.41 7.38 -2.46
C ASP A 90 8.62 6.19 -3.40
N THR A 91 9.65 6.25 -4.23
CA THR A 91 9.96 5.14 -5.14
C THR A 91 10.31 3.88 -4.36
N ALA A 92 9.66 2.77 -4.69
CA ALA A 92 9.81 1.51 -3.97
C ALA A 92 8.94 0.42 -4.55
N VAL A 93 9.21 -0.82 -4.17
CA VAL A 93 8.21 -1.87 -4.33
C VAL A 93 7.27 -1.79 -3.14
N TYR A 94 5.97 -1.73 -3.41
CA TYR A 94 4.96 -1.66 -2.35
C TYR A 94 4.31 -3.03 -2.17
N TYR A 95 4.14 -3.43 -0.90
CA TYR A 95 3.61 -4.75 -0.57
C TYR A 95 2.40 -4.65 0.34
N CYS A 96 1.39 -5.47 0.06
CA CYS A 96 0.24 -5.73 0.93
C CYS A 96 0.66 -6.78 1.97
N TYR A 97 0.20 -6.65 3.22
CA TYR A 97 0.60 -7.59 4.27
C TYR A 97 -0.51 -7.89 5.26
N VAL A 98 -0.62 -9.16 5.65
CA VAL A 98 -1.47 -9.52 6.80
C VAL A 98 -1.09 -10.90 7.35
N GLY A 99 -0.97 -11.01 8.67
CA GLY A 99 -0.85 -12.29 9.35
C GLY A 99 0.24 -13.20 8.83
N GLY A 100 1.39 -12.63 8.51
CA GLY A 100 2.52 -13.40 8.04
C GLY A 100 2.51 -13.64 6.53
N PHE A 101 1.51 -13.09 5.85
CA PHE A 101 1.42 -13.27 4.40
C PHE A 101 1.66 -11.97 3.65
N TRP A 102 2.41 -12.07 2.55
CA TRP A 102 2.81 -10.92 1.73
C TRP A 102 2.27 -11.01 0.32
N GLY A 103 1.91 -9.88 -0.26
CA GLY A 103 1.60 -9.82 -1.69
C GLY A 103 2.89 -9.90 -2.49
N GLN A 104 2.78 -9.96 -3.82
CA GLN A 104 3.95 -10.14 -4.65
C GLN A 104 4.68 -8.83 -4.92
N GLY A 105 4.04 -7.73 -4.58
CA GLY A 105 4.65 -6.42 -4.77
C GLY A 105 4.19 -5.71 -6.02
N THR A 106 4.09 -4.38 -5.93
CA THR A 106 3.79 -3.59 -7.13
C THR A 106 4.80 -2.44 -7.18
N GLN A 107 5.37 -2.21 -8.35
CA GLN A 107 6.41 -1.19 -8.49
C GLN A 107 5.82 0.21 -8.54
N VAL A 108 6.39 1.11 -7.75
CA VAL A 108 6.05 2.53 -7.83
C VAL A 108 7.32 3.31 -8.08
N THR A 109 7.37 4.02 -9.20
CA THR A 109 8.53 4.85 -9.52
C THR A 109 8.10 6.29 -9.75
N VAL A 110 8.71 7.19 -8.99
CA VAL A 110 8.42 8.60 -9.10
C VAL A 110 9.64 9.34 -9.63
N SER A 111 9.56 9.83 -10.87
CA SER A 111 10.71 10.40 -11.55
C SER A 111 10.28 11.43 -12.59
N SER A 112 11.00 12.55 -12.67
CA SER A 112 10.62 13.59 -13.60
C SER A 112 11.12 13.28 -15.01
N GLY A 113 12.11 12.41 -15.09
CA GLY A 113 12.67 12.01 -16.38
C GLY A 113 13.48 13.10 -17.03
N GLY A 114 12.80 14.00 -17.76
CA GLY A 114 13.44 15.13 -18.40
C GLY A 114 14.48 14.73 -19.44
#